data_3H2O
#
_entry.id   3H2O
#
_cell.length_a   99.292
_cell.length_b   99.292
_cell.length_c   263.051
_cell.angle_alpha   90.00
_cell.angle_beta   90.00
_cell.angle_gamma   120.00
#
_symmetry.space_group_name_H-M   'P 62 2 2'
#
loop_
_entity.id
_entity.type
_entity.pdbx_description
1 polymer 'Dihydropteroate synthase'
2 non-polymer '4-{[2-(2-amino-4-oxo-3,4,7,8-tetrahydropteridin-6-yl)ethyl]amino}benzoic acid'
3 non-polymer 'SULFATE ION'
4 water water
#
_entity_poly.entity_id   1
_entity_poly.type   'polypeptide(L)'
_entity_poly.pdbx_seq_one_letter_code
;MGSSHHHHHHSSGLVPRGSHMKWDYDLRCGEYTLNLNEKTLIMGILNVTPDSFSDGGSYNEVDAAVRHAKEMRDEGAHII
DIGGESTRPGFAKVSVEEEIKRVVPMIQAVSKEVKLPISIDTYKAEVAKQAIEAGAHIINDIWGAKAEPKIAEVAAHYDV
PIILMHNRDNMNYRNLMADMIADLYDSIKIAKDAGVRDENIILDPGIGFAKTPEQNLEAMRNLEQLNVLGYPVLLGTSRK
SFIGHVLDLPVEERLEGTGATVCLGIEKGCEFVRVHDVKEMSRMAKMMDAMIGKGVK
;
_entity_poly.pdbx_strand_id   A,B
#
# COMPACT_ATOMS: atom_id res chain seq x y z
N LYS A 22 4.00 19.80 36.94
CA LYS A 22 4.66 18.68 37.68
C LYS A 22 5.96 18.18 37.01
N TRP A 23 5.89 17.72 35.75
CA TRP A 23 7.08 17.39 35.00
C TRP A 23 7.49 18.75 34.47
N ASP A 24 8.78 19.05 34.44
CA ASP A 24 9.10 20.33 33.88
C ASP A 24 9.80 20.15 32.61
N TYR A 25 9.67 18.98 32.01
CA TYR A 25 10.38 18.69 30.81
C TYR A 25 9.51 17.93 29.83
N ASP A 26 9.80 18.13 28.55
CA ASP A 26 8.97 17.51 27.50
C ASP A 26 9.65 16.31 26.85
N LEU A 27 8.88 15.51 26.12
CA LEU A 27 9.49 14.43 25.43
C LEU A 27 9.85 14.78 24.02
N ARG A 28 10.68 15.83 23.89
CA ARG A 28 11.42 16.10 22.66
C ARG A 28 11.77 14.74 22.00
N CYS A 29 11.27 14.51 20.80
CA CYS A 29 11.55 13.26 20.09
C CYS A 29 11.44 13.41 18.58
N GLY A 30 12.54 13.92 18.03
CA GLY A 30 12.62 14.23 16.62
C GLY A 30 11.79 15.46 16.26
N GLU A 31 11.02 15.33 15.18
CA GLU A 31 10.04 16.32 14.76
C GLU A 31 8.89 16.53 15.77
N TYR A 32 8.70 15.60 16.74
CA TYR A 32 7.62 15.75 17.73
C TYR A 32 8.09 15.92 19.19
N THR A 33 7.10 16.12 20.07
CA THR A 33 7.27 16.47 21.49
C THR A 33 5.99 16.22 22.28
N LEU A 34 6.12 15.49 23.36
CA LEU A 34 4.98 15.07 24.09
C LEU A 34 4.98 15.72 25.48
N ASN A 35 3.82 16.17 25.91
CA ASN A 35 3.73 16.98 27.11
C ASN A 35 3.06 16.22 28.20
N LEU A 36 3.77 16.08 29.33
CA LEU A 36 3.40 15.05 30.28
C LEU A 36 2.35 15.51 31.22
N ASN A 37 2.19 16.82 31.29
CA ASN A 37 1.31 17.37 32.32
C ASN A 37 -0.13 17.39 31.81
N GLU A 38 -0.20 17.61 30.51
CA GLU A 38 -1.45 18.01 29.87
C GLU A 38 -2.54 16.87 29.85
N LYS A 39 -2.11 15.60 29.62
CA LYS A 39 -3.00 14.43 29.51
C LYS A 39 -2.21 13.14 29.47
N THR A 40 -2.87 12.03 29.82
CA THR A 40 -2.36 10.69 29.62
C THR A 40 -2.10 10.34 28.15
N LEU A 41 -0.93 9.79 27.90
CA LEU A 41 -0.47 9.69 26.56
C LEU A 41 -0.65 8.32 26.02
N ILE A 42 -1.47 8.16 24.98
CA ILE A 42 -1.85 6.80 24.57
C ILE A 42 -0.92 6.30 23.51
N MET A 43 -0.43 5.10 23.79
CA MET A 43 0.39 4.38 22.85
C MET A 43 -0.47 3.31 22.25
N GLY A 44 -0.55 3.24 20.91
CA GLY A 44 -1.45 2.31 20.19
C GLY A 44 -0.69 1.12 19.66
N ILE A 45 -1.20 -0.07 19.96
CA ILE A 45 -0.50 -1.24 19.51
C ILE A 45 -0.83 -1.53 18.04
N LEU A 46 0.14 -1.25 17.17
CA LEU A 46 0.17 -1.89 15.85
C LEU A 46 0.42 -3.41 15.92
N ASN A 47 -0.62 -4.12 15.49
CA ASN A 47 -0.68 -5.59 15.48
C ASN A 47 -0.12 -6.11 14.16
N VAL A 48 1.02 -6.79 14.27
CA VAL A 48 1.87 -6.99 13.12
C VAL A 48 1.56 -8.29 12.33
N THR A 49 0.26 -8.49 12.06
CA THR A 49 -0.22 -9.61 11.26
C THR A 49 0.75 -9.92 10.07
N PRO A 50 1.30 -11.15 10.04
CA PRO A 50 2.39 -11.42 9.14
C PRO A 50 1.94 -12.12 7.85
N ASP A 51 2.11 -11.45 6.70
CA ASP A 51 1.91 -12.05 5.38
C ASP A 51 2.94 -13.16 5.25
N SER A 52 2.58 -14.37 5.69
CA SER A 52 3.53 -15.47 5.85
C SER A 52 4.29 -15.80 4.55
N PHE A 53 3.57 -15.78 3.41
CA PHE A 53 4.17 -16.02 2.07
C PHE A 53 5.35 -15.08 1.80
N SER A 54 5.46 -14.03 2.65
CA SER A 54 6.60 -13.12 2.64
C SER A 54 7.20 -12.94 4.03
N ASP A 55 8.49 -12.58 4.02
CA ASP A 55 9.18 -12.13 5.22
C ASP A 55 9.16 -10.60 5.28
N GLY A 56 9.09 -9.98 4.09
CA GLY A 56 9.26 -8.51 3.93
C GLY A 56 8.01 -7.75 3.47
N GLY A 57 8.22 -6.49 3.05
CA GLY A 57 7.13 -5.55 2.70
C GLY A 57 6.14 -5.84 1.57
N SER A 58 5.53 -7.03 1.59
CA SER A 58 4.35 -7.30 0.80
C SER A 58 3.43 -6.09 0.79
N TYR A 59 2.68 -5.88 -0.29
CA TYR A 59 1.70 -4.82 -0.29
C TYR A 59 0.64 -4.96 0.81
N ASN A 60 0.04 -6.16 0.98
CA ASN A 60 -1.04 -6.33 1.95
C ASN A 60 -0.44 -6.00 3.30
N GLU A 61 0.66 -6.68 3.60
CA GLU A 61 1.30 -6.62 4.89
C GLU A 61 1.32 -5.19 5.40
N VAL A 62 1.80 -4.27 4.57
CA VAL A 62 2.02 -2.92 5.02
C VAL A 62 0.77 -2.09 4.94
N ASP A 63 0.16 -2.03 3.77
CA ASP A 63 -1.08 -1.29 3.57
C ASP A 63 -1.89 -1.52 4.80
N ALA A 64 -2.03 -2.79 5.18
CA ALA A 64 -2.90 -3.21 6.28
C ALA A 64 -2.45 -2.57 7.57
N ALA A 65 -1.15 -2.35 7.67
CA ALA A 65 -0.58 -1.77 8.87
C ALA A 65 -0.86 -0.27 8.86
N VAL A 66 -0.58 0.37 7.73
CA VAL A 66 -0.84 1.79 7.52
C VAL A 66 -2.32 2.14 7.67
N ARG A 67 -3.17 1.15 7.38
CA ARG A 67 -4.60 1.33 7.44
C ARG A 67 -4.99 1.44 8.87
N HIS A 68 -4.11 0.93 9.70
CA HIS A 68 -4.54 0.63 11.03
C HIS A 68 -3.93 1.61 11.99
N ALA A 69 -2.79 2.12 11.58
CA ALA A 69 -2.23 3.24 12.27
C ALA A 69 -3.16 4.42 11.99
N LYS A 70 -3.41 4.72 10.71
CA LYS A 70 -4.15 5.93 10.33
C LYS A 70 -5.41 5.95 11.19
N GLU A 71 -5.94 4.75 11.45
CA GLU A 71 -7.18 4.61 12.18
C GLU A 71 -6.95 5.15 13.55
N MET A 72 -5.87 4.65 14.16
CA MET A 72 -5.57 4.97 15.52
C MET A 72 -5.23 6.42 15.61
N ARG A 73 -4.57 6.97 14.58
CA ARG A 73 -4.37 8.42 14.56
C ARG A 73 -5.72 9.00 14.88
N ASP A 74 -6.73 8.51 14.17
CA ASP A 74 -8.10 9.00 14.31
C ASP A 74 -8.82 8.65 15.65
N GLU A 75 -8.25 7.77 16.44
CA GLU A 75 -8.91 7.31 17.69
C GLU A 75 -8.50 8.02 18.97
N GLY A 76 -7.45 8.86 18.87
CA GLY A 76 -6.90 9.67 20.00
C GLY A 76 -5.53 9.22 20.52
N ALA A 77 -4.88 8.35 19.76
CA ALA A 77 -3.66 7.70 20.16
C ALA A 77 -2.52 8.61 19.77
N HIS A 78 -1.54 8.81 20.66
CA HIS A 78 -0.45 9.75 20.38
C HIS A 78 0.93 9.19 20.06
N ILE A 79 1.05 7.88 20.01
CA ILE A 79 2.28 7.21 19.57
C ILE A 79 1.91 5.81 19.04
N ILE A 80 2.61 5.35 17.99
CA ILE A 80 2.37 4.01 17.45
C ILE A 80 3.51 3.05 17.78
N ASP A 81 3.14 1.94 18.43
CA ASP A 81 4.05 0.80 18.75
C ASP A 81 4.11 -0.38 17.73
N ILE A 82 5.31 -0.65 17.24
CA ILE A 82 5.42 -1.64 16.20
C ILE A 82 6.22 -2.85 16.65
N GLY A 83 5.51 -3.89 17.13
CA GLY A 83 6.13 -5.19 17.45
C GLY A 83 6.48 -6.08 16.23
N LYS A 93 12.01 -17.55 19.43
CA LYS A 93 13.44 -17.65 18.68
C LYS A 93 13.15 -17.24 17.23
N VAL A 94 13.70 -16.09 16.84
CA VAL A 94 13.68 -15.62 15.43
C VAL A 94 14.90 -14.74 15.11
N SER A 95 15.42 -14.91 13.89
CA SER A 95 16.59 -14.19 13.37
C SER A 95 16.40 -12.67 13.30
N VAL A 96 17.50 -11.96 13.55
CA VAL A 96 17.60 -10.52 13.37
C VAL A 96 17.18 -10.13 11.97
N GLU A 97 17.91 -10.68 10.99
CA GLU A 97 17.75 -10.27 9.62
C GLU A 97 16.31 -10.09 9.25
N GLU A 98 15.52 -11.08 9.65
CA GLU A 98 14.10 -11.10 9.38
C GLU A 98 13.42 -9.90 9.96
N GLU A 99 13.63 -9.71 11.26
CA GLU A 99 12.99 -8.66 12.01
C GLU A 99 13.26 -7.33 11.36
N ILE A 100 14.42 -7.26 10.71
CA ILE A 100 14.85 -6.09 9.98
C ILE A 100 14.15 -5.95 8.64
N LYS A 101 14.00 -7.07 7.93
CA LYS A 101 13.25 -7.07 6.67
C LYS A 101 11.75 -7.02 6.95
N ARG A 102 11.33 -7.70 8.00
CA ARG A 102 9.99 -7.50 8.59
C ARG A 102 9.59 -6.02 8.78
N VAL A 103 10.44 -5.25 9.45
CA VAL A 103 9.97 -4.05 10.14
C VAL A 103 10.52 -2.72 9.63
N VAL A 104 11.66 -2.76 8.96
CA VAL A 104 12.24 -1.55 8.36
C VAL A 104 11.44 -0.93 7.16
N PRO A 105 10.72 -1.77 6.39
CA PRO A 105 9.89 -1.16 5.35
C PRO A 105 8.52 -0.71 5.89
N MET A 106 8.17 -1.21 7.07
CA MET A 106 6.95 -0.86 7.77
C MET A 106 7.03 0.44 8.57
N ILE A 107 8.10 0.59 9.34
CA ILE A 107 8.38 1.86 10.02
C ILE A 107 8.27 2.95 8.95
N GLN A 108 8.93 2.67 7.83
CA GLN A 108 9.10 3.65 6.79
C GLN A 108 7.80 4.13 6.10
N ALA A 109 6.79 3.26 5.97
CA ALA A 109 5.53 3.73 5.42
C ALA A 109 4.85 4.65 6.46
N VAL A 110 4.62 4.11 7.64
CA VAL A 110 3.83 4.79 8.64
C VAL A 110 4.50 6.08 9.05
N SER A 111 5.82 6.10 9.03
CA SER A 111 6.46 7.25 9.60
C SER A 111 6.21 8.35 8.63
N LYS A 112 6.15 7.97 7.35
CA LYS A 112 6.03 8.86 6.19
C LYS A 112 4.56 9.15 5.86
N GLU A 113 3.65 8.32 6.41
CA GLU A 113 2.22 8.47 6.16
C GLU A 113 1.41 9.01 7.35
N VAL A 114 1.91 8.81 8.57
CA VAL A 114 1.13 9.13 9.78
C VAL A 114 1.87 10.11 10.68
N LYS A 115 1.29 11.28 10.91
CA LYS A 115 2.05 12.36 11.50
C LYS A 115 2.04 12.25 13.02
N LEU A 116 2.76 11.25 13.54
CA LEU A 116 2.91 10.97 15.00
C LEU A 116 4.23 10.22 15.23
N PRO A 117 4.72 10.22 16.50
CA PRO A 117 5.93 9.51 16.88
C PRO A 117 5.70 8.00 16.88
N ILE A 118 6.74 7.24 16.60
CA ILE A 118 6.61 5.83 16.29
C ILE A 118 7.65 5.11 17.08
N SER A 119 7.22 4.13 17.88
CA SER A 119 8.18 3.38 18.75
C SER A 119 8.44 1.94 18.36
N ILE A 120 9.68 1.52 18.47
CA ILE A 120 10.08 0.18 18.06
C ILE A 120 10.06 -0.81 19.24
N ASP A 121 9.56 -2.01 19.00
CA ASP A 121 9.48 -2.97 20.08
C ASP A 121 10.55 -4.08 20.02
N THR A 122 11.80 -3.71 20.19
CA THR A 122 12.85 -4.69 20.15
C THR A 122 13.78 -4.64 21.32
N TYR A 123 14.41 -5.77 21.59
CA TYR A 123 15.49 -5.83 22.56
C TYR A 123 16.84 -5.87 21.87
N LYS A 124 16.84 -5.90 20.54
CA LYS A 124 18.11 -6.01 19.83
C LYS A 124 18.74 -4.66 19.34
N ALA A 125 20.03 -4.50 19.60
CA ALA A 125 20.73 -3.28 19.20
C ALA A 125 20.97 -3.16 17.68
N GLU A 126 21.28 -4.29 17.02
CA GLU A 126 21.45 -4.26 15.58
C GLU A 126 20.11 -3.82 14.93
N VAL A 127 19.01 -4.31 15.50
CA VAL A 127 17.63 -3.95 15.14
C VAL A 127 17.27 -2.52 15.52
N ALA A 128 17.74 -2.09 16.68
CA ALA A 128 17.36 -0.80 17.20
C ALA A 128 17.78 0.21 16.17
N LYS A 129 19.06 0.13 15.80
CA LYS A 129 19.68 1.01 14.79
C LYS A 129 18.77 1.16 13.57
N GLN A 130 18.57 0.04 12.86
CA GLN A 130 17.84 -0.01 11.60
C GLN A 130 16.49 0.72 11.67
N ALA A 131 15.80 0.49 12.77
CA ALA A 131 14.50 1.09 12.96
C ALA A 131 14.61 2.59 12.99
N ILE A 132 15.33 3.08 13.97
CA ILE A 132 15.52 4.50 14.09
C ILE A 132 16.07 5.08 12.78
N GLU A 133 16.96 4.33 12.12
CA GLU A 133 17.43 4.64 10.78
C GLU A 133 16.23 4.75 9.82
N ALA A 134 15.30 3.79 9.88
CA ALA A 134 14.09 3.86 9.04
C ALA A 134 13.32 5.16 9.30
N GLY A 135 12.99 5.42 10.56
CA GLY A 135 12.31 6.64 10.95
C GLY A 135 11.70 6.43 12.31
N ALA A 136 12.18 5.42 13.01
CA ALA A 136 11.62 5.14 14.31
C ALA A 136 11.99 6.20 15.39
N HIS A 137 11.17 6.36 16.43
CA HIS A 137 11.28 7.53 17.33
C HIS A 137 11.70 7.32 18.77
N ILE A 138 11.10 6.31 19.42
CA ILE A 138 11.20 6.06 20.83
C ILE A 138 11.46 4.60 20.90
N ILE A 139 12.37 4.14 21.77
CA ILE A 139 12.66 2.71 21.74
C ILE A 139 12.02 2.00 22.83
N ASN A 140 11.25 0.97 22.52
CA ASN A 140 10.63 0.19 23.54
C ASN A 140 11.29 -1.17 23.80
N ASP A 141 11.95 -1.29 24.94
CA ASP A 141 12.58 -2.56 25.27
C ASP A 141 11.96 -3.42 26.43
N ILE A 142 11.73 -4.69 26.16
CA ILE A 142 11.10 -5.61 27.11
C ILE A 142 12.13 -6.34 27.98
N TRP A 143 13.42 -6.05 27.75
CA TRP A 143 14.49 -6.48 28.67
C TRP A 143 15.33 -5.34 29.28
N GLY A 144 14.87 -4.10 29.07
CA GLY A 144 15.34 -2.95 29.84
C GLY A 144 16.86 -2.84 29.89
N ALA A 145 17.45 -2.84 28.70
CA ALA A 145 18.88 -2.71 28.46
C ALA A 145 19.67 -3.95 28.93
N LYS A 146 18.97 -4.90 29.56
CA LYS A 146 19.64 -6.09 30.06
C LYS A 146 19.97 -7.11 28.98
N ALA A 147 19.06 -7.24 28.02
CA ALA A 147 19.13 -8.26 26.98
C ALA A 147 20.34 -8.14 26.07
N GLU A 148 20.63 -6.90 25.69
CA GLU A 148 21.69 -6.57 24.78
C GLU A 148 22.05 -5.17 25.16
N PRO A 149 22.92 -5.01 26.17
CA PRO A 149 23.34 -3.70 26.64
C PRO A 149 23.61 -2.73 25.50
N LYS A 150 24.09 -3.25 24.38
CA LYS A 150 24.50 -2.35 23.33
C LYS A 150 23.36 -1.44 22.93
N ILE A 151 22.14 -1.89 23.17
CA ILE A 151 20.96 -1.07 22.84
C ILE A 151 21.07 0.37 23.38
N ALA A 152 21.33 0.44 24.68
CA ALA A 152 21.34 1.67 25.45
C ALA A 152 22.23 2.67 24.78
N GLU A 153 23.38 2.21 24.26
CA GLU A 153 24.42 3.03 23.58
C GLU A 153 23.84 3.75 22.38
N VAL A 154 23.05 2.98 21.63
CA VAL A 154 22.28 3.43 20.47
C VAL A 154 21.22 4.46 20.87
N ALA A 155 20.49 4.21 21.94
CA ALA A 155 19.62 5.26 22.47
C ALA A 155 20.44 6.55 22.68
N ALA A 156 21.60 6.39 23.35
CA ALA A 156 22.53 7.49 23.57
C ALA A 156 22.73 8.18 22.28
N HIS A 157 23.14 7.38 21.31
CA HIS A 157 23.70 7.89 20.09
C HIS A 157 22.73 8.69 19.21
N TYR A 158 21.57 8.11 18.91
CA TYR A 158 20.55 8.85 18.16
C TYR A 158 19.76 9.76 19.09
N ASP A 159 20.18 9.80 20.35
CA ASP A 159 19.56 10.65 21.34
C ASP A 159 18.05 10.52 21.37
N VAL A 160 17.53 9.36 21.75
CA VAL A 160 16.06 9.17 21.76
C VAL A 160 15.52 8.46 22.98
N PRO A 161 14.28 8.80 23.37
CA PRO A 161 13.73 8.17 24.55
C PRO A 161 13.82 6.68 24.42
N ILE A 162 14.03 6.01 25.55
CA ILE A 162 13.93 4.53 25.62
C ILE A 162 13.04 4.14 26.76
N ILE A 163 12.30 3.06 26.59
CA ILE A 163 11.42 2.56 27.65
C ILE A 163 12.10 1.34 28.29
N LEU A 164 12.26 1.33 29.60
CA LEU A 164 12.82 0.14 30.23
C LEU A 164 11.77 -0.67 30.99
N MET A 165 11.81 -1.97 30.76
CA MET A 165 10.77 -2.78 31.35
C MET A 165 11.32 -3.74 32.33
N HIS A 166 10.53 -3.99 33.36
CA HIS A 166 10.88 -4.98 34.30
C HIS A 166 10.55 -6.31 33.71
N ASN A 167 11.47 -7.28 33.87
CA ASN A 167 11.41 -8.62 33.28
C ASN A 167 12.60 -9.47 33.76
N ARG A 168 12.44 -10.79 33.83
CA ARG A 168 13.46 -11.65 34.41
C ARG A 168 13.20 -13.08 33.99
N ASP A 169 14.03 -13.99 34.45
CA ASP A 169 14.10 -15.27 33.79
C ASP A 169 13.89 -16.35 34.84
N ASN A 170 13.27 -15.92 35.94
CA ASN A 170 12.79 -16.78 37.04
C ASN A 170 11.68 -15.89 37.61
N MET A 171 11.18 -16.22 38.79
CA MET A 171 10.08 -15.45 39.37
C MET A 171 10.07 -15.62 40.88
N ASN A 172 11.27 -15.51 41.44
CA ASN A 172 11.50 -15.66 42.86
C ASN A 172 11.77 -14.25 43.31
N TYR A 173 10.87 -13.76 44.14
CA TYR A 173 11.02 -12.43 44.67
C TYR A 173 10.92 -12.55 46.18
N ARG A 174 11.80 -11.86 46.89
CA ARG A 174 11.62 -11.75 48.31
C ARG A 174 10.44 -10.80 48.36
N ASN A 175 10.61 -9.64 47.72
CA ASN A 175 9.59 -8.58 47.74
C ASN A 175 9.30 -8.03 46.38
N LEU A 176 8.13 -8.41 45.85
CA LEU A 176 7.71 -7.97 44.52
C LEU A 176 8.21 -6.59 44.20
N MET A 177 7.58 -5.61 44.81
CA MET A 177 7.94 -4.25 44.52
C MET A 177 9.41 -4.07 44.72
N ALA A 178 9.85 -4.20 45.96
CA ALA A 178 11.22 -3.85 46.25
C ALA A 178 12.13 -4.40 45.19
N ASP A 179 11.85 -5.63 44.75
CA ASP A 179 12.60 -6.30 43.66
C ASP A 179 12.44 -5.68 42.27
N MET A 180 11.20 -5.44 41.88
CA MET A 180 10.93 -4.72 40.68
C MET A 180 11.85 -3.49 40.64
N ILE A 181 11.63 -2.64 41.64
CA ILE A 181 12.26 -1.34 41.77
C ILE A 181 13.77 -1.49 41.75
N ALA A 182 14.30 -2.45 42.51
CA ALA A 182 15.69 -2.88 42.34
C ALA A 182 15.95 -3.08 40.85
N ASP A 183 15.33 -4.13 40.29
CA ASP A 183 15.66 -4.58 38.93
C ASP A 183 15.59 -3.47 37.94
N LEU A 184 14.56 -2.65 38.09
CA LEU A 184 14.43 -1.48 37.23
C LEU A 184 15.69 -0.64 37.36
N TYR A 185 16.04 -0.32 38.59
CA TYR A 185 17.25 0.42 38.83
C TYR A 185 18.56 -0.12 38.11
N ASP A 186 18.88 -1.42 38.16
CA ASP A 186 19.99 -1.95 37.35
C ASP A 186 19.78 -1.85 35.83
N SER A 187 18.56 -1.53 35.35
CA SER A 187 18.42 -1.07 33.92
C SER A 187 18.91 0.37 33.74
N ILE A 188 18.39 1.27 34.58
CA ILE A 188 18.74 2.67 34.50
C ILE A 188 20.25 2.79 34.58
N LYS A 189 20.88 1.84 35.28
CA LYS A 189 22.34 1.94 35.46
C LYS A 189 23.04 1.88 34.08
N ILE A 190 22.66 0.85 33.33
CA ILE A 190 23.22 0.64 32.03
C ILE A 190 22.84 1.81 31.16
N ALA A 191 21.56 2.15 31.14
CA ALA A 191 21.13 3.31 30.39
C ALA A 191 22.09 4.47 30.64
N LYS A 192 22.06 4.91 31.91
CA LYS A 192 22.76 6.12 32.33
C LYS A 192 24.25 6.03 32.12
N ASP A 193 24.83 4.85 32.42
CA ASP A 193 26.24 4.62 32.07
C ASP A 193 26.54 4.76 30.55
N ALA A 194 25.78 4.11 29.67
CA ALA A 194 25.99 4.24 28.22
C ALA A 194 25.79 5.68 27.76
N GLY A 195 24.94 6.42 28.49
CA GLY A 195 24.89 7.88 28.34
C GLY A 195 23.53 8.47 28.02
N VAL A 196 22.50 7.82 28.49
CA VAL A 196 21.17 8.27 28.17
C VAL A 196 20.83 9.37 29.15
N ARG A 197 20.41 10.54 28.70
CA ARG A 197 19.95 11.57 29.64
C ARG A 197 18.70 11.08 30.38
N ASP A 198 18.54 11.56 31.61
CA ASP A 198 17.42 11.21 32.46
C ASP A 198 16.11 11.59 31.78
N GLU A 199 16.11 12.71 31.07
CA GLU A 199 14.95 13.13 30.28
C GLU A 199 14.44 12.12 29.28
N ASN A 200 15.35 11.35 28.73
CA ASN A 200 14.97 10.37 27.78
C ASN A 200 14.72 9.01 28.38
N ILE A 201 14.24 8.91 29.62
CA ILE A 201 14.04 7.58 30.21
C ILE A 201 12.67 7.36 30.70
N ILE A 202 12.13 6.20 30.40
CA ILE A 202 10.75 5.89 30.74
C ILE A 202 10.63 4.53 31.46
N LEU A 203 9.69 4.39 32.36
CA LEU A 203 9.65 3.15 33.08
C LEU A 203 8.42 2.28 32.84
N ASP A 204 8.65 0.99 32.69
CA ASP A 204 7.53 0.11 32.56
C ASP A 204 7.66 -1.05 33.54
N PRO A 205 6.65 -1.26 34.37
CA PRO A 205 6.56 -2.28 35.36
C PRO A 205 6.52 -3.69 34.74
N GLY A 206 6.07 -3.80 33.50
CA GLY A 206 6.23 -5.04 32.75
C GLY A 206 5.23 -6.08 33.16
N ILE A 207 3.97 -5.74 33.02
CA ILE A 207 2.89 -6.62 33.33
C ILE A 207 2.90 -7.87 32.44
N GLY A 208 2.57 -8.97 33.11
CA GLY A 208 2.58 -10.33 32.57
C GLY A 208 3.96 -10.87 32.24
N PHE A 209 5.00 -10.22 32.72
CA PHE A 209 6.34 -10.75 32.55
C PHE A 209 6.98 -11.20 33.84
N ALA A 210 7.28 -12.48 33.90
CA ALA A 210 7.97 -13.06 35.04
C ALA A 210 7.10 -13.00 36.33
N LYS A 211 5.78 -12.82 36.17
CA LYS A 211 4.87 -12.66 37.31
C LYS A 211 3.69 -13.57 37.18
N THR A 212 3.42 -14.33 38.24
CA THR A 212 2.11 -15.07 38.36
C THR A 212 0.98 -14.04 38.34
N PRO A 213 -0.24 -14.45 37.96
CA PRO A 213 -1.31 -13.46 37.92
C PRO A 213 -1.71 -12.82 39.26
N GLU A 214 -0.95 -13.06 40.31
CA GLU A 214 -1.28 -12.54 41.64
C GLU A 214 -0.18 -11.59 41.90
N GLN A 215 1.04 -11.98 41.52
CA GLN A 215 2.06 -10.98 41.29
C GLN A 215 1.58 -9.76 40.46
N ASN A 216 0.98 -10.00 39.30
CA ASN A 216 0.44 -8.94 38.43
C ASN A 216 -0.54 -8.07 39.14
N LEU A 217 -1.41 -8.66 39.94
CA LEU A 217 -2.39 -7.87 40.68
C LEU A 217 -1.76 -6.92 41.70
N GLU A 218 -0.89 -7.51 42.54
CA GLU A 218 -0.16 -6.81 43.58
C GLU A 218 0.60 -5.63 42.97
N ALA A 219 1.18 -5.85 41.79
CA ALA A 219 1.96 -4.82 41.10
C ALA A 219 1.02 -3.73 40.68
N MET A 220 -0.23 -4.08 40.45
CA MET A 220 -1.11 -3.06 39.94
C MET A 220 -1.54 -2.29 41.17
N ARG A 221 -1.58 -2.99 42.29
CA ARG A 221 -2.06 -2.45 43.54
C ARG A 221 -1.07 -1.44 44.03
N ASN A 222 0.21 -1.65 43.61
CA ASN A 222 1.26 -0.85 44.16
C ASN A 222 2.15 -0.33 43.09
N LEU A 223 1.51 0.25 42.06
CA LEU A 223 2.15 0.97 41.01
C LEU A 223 2.79 2.17 41.53
N GLU A 224 2.11 2.81 42.48
CA GLU A 224 2.45 4.22 42.81
C GLU A 224 3.93 4.40 43.29
N GLN A 225 4.48 3.33 43.86
CA GLN A 225 5.87 3.31 44.27
C GLN A 225 6.83 3.28 43.11
N LEU A 226 6.31 3.14 41.92
CA LEU A 226 7.17 3.33 40.78
C LEU A 226 7.54 4.83 40.63
N ASN A 227 6.81 5.70 41.30
CA ASN A 227 6.99 7.10 41.13
C ASN A 227 8.15 7.71 41.95
N VAL A 228 8.38 7.18 43.16
CA VAL A 228 9.57 7.60 43.92
C VAL A 228 10.78 7.66 42.97
N LEU A 229 10.85 6.74 42.02
CA LEU A 229 12.02 6.67 41.19
C LEU A 229 12.21 7.84 40.22
N GLY A 230 11.25 8.78 40.17
CA GLY A 230 11.39 10.04 39.31
C GLY A 230 11.48 9.98 37.76
N TYR A 231 10.62 9.18 37.14
CA TYR A 231 10.56 8.99 35.69
C TYR A 231 9.15 8.59 35.33
N PRO A 232 8.78 8.92 34.10
CA PRO A 232 7.47 8.60 33.56
C PRO A 232 7.25 7.10 33.58
N VAL A 233 6.06 6.71 33.94
CA VAL A 233 5.69 5.32 33.86
C VAL A 233 4.69 5.09 32.75
N LEU A 234 4.91 4.01 31.99
CA LEU A 234 4.03 3.52 30.94
C LEU A 234 3.61 2.19 31.40
N LEU A 235 2.35 1.88 31.26
CA LEU A 235 1.77 0.73 31.89
C LEU A 235 1.15 -0.01 30.74
N GLY A 236 1.49 -1.29 30.54
CA GLY A 236 0.96 -2.01 29.38
C GLY A 236 0.05 -3.14 29.82
N THR A 237 -1.26 -2.96 29.69
CA THR A 237 -2.13 -4.09 30.10
C THR A 237 -3.19 -4.55 29.13
N SER A 238 -3.23 -4.03 27.93
CA SER A 238 -4.36 -4.33 27.12
C SER A 238 -4.41 -5.82 26.89
N ARG A 239 -5.62 -6.35 27.07
CA ARG A 239 -5.99 -7.78 26.89
C ARG A 239 -5.06 -8.83 27.55
N LYS A 240 -4.54 -8.52 28.72
CA LYS A 240 -3.57 -9.37 29.21
C LYS A 240 -4.23 -10.55 30.02
N SER A 241 -3.54 -11.69 30.01
CA SER A 241 -4.08 -12.91 30.56
C SER A 241 -4.49 -12.92 32.04
N PHE A 242 -3.96 -11.95 32.82
CA PHE A 242 -4.42 -11.83 34.22
C PHE A 242 -5.85 -11.26 34.32
N ILE A 243 -6.17 -10.32 33.42
CA ILE A 243 -7.55 -9.95 33.26
C ILE A 243 -8.33 -11.25 33.11
N GLY A 244 -7.89 -12.17 32.28
CA GLY A 244 -8.72 -13.35 32.06
C GLY A 244 -8.66 -14.33 33.24
N HIS A 245 -7.71 -14.12 34.13
CA HIS A 245 -7.65 -14.98 35.24
C HIS A 245 -8.66 -14.50 36.25
N VAL A 246 -8.83 -13.19 36.32
CA VAL A 246 -9.70 -12.68 37.31
C VAL A 246 -11.09 -12.90 36.78
N LEU A 247 -11.42 -12.13 35.73
CA LEU A 247 -12.74 -12.11 35.14
C LEU A 247 -13.18 -13.36 34.42
N ASP A 248 -12.23 -14.17 33.96
CA ASP A 248 -12.51 -15.51 33.33
C ASP A 248 -13.14 -15.39 31.96
N LEU A 249 -12.59 -14.52 31.15
CA LEU A 249 -13.14 -14.17 29.85
C LEU A 249 -11.94 -13.97 28.93
N PRO A 250 -12.06 -14.46 27.67
CA PRO A 250 -10.85 -14.44 26.89
C PRO A 250 -10.71 -13.18 26.04
N VAL A 251 -9.62 -13.20 25.32
CA VAL A 251 -8.98 -12.04 24.77
C VAL A 251 -9.93 -10.96 24.10
N GLU A 252 -10.96 -11.42 23.40
CA GLU A 252 -11.86 -10.51 22.66
C GLU A 252 -13.03 -10.03 23.50
N GLU A 253 -12.94 -10.32 24.80
CA GLU A 253 -13.95 -9.91 25.75
C GLU A 253 -13.26 -9.29 26.94
N ARG A 254 -12.23 -8.47 26.71
CA ARG A 254 -11.34 -8.09 27.79
C ARG A 254 -11.19 -6.64 27.84
N LEU A 255 -12.19 -5.96 27.30
CA LEU A 255 -12.18 -4.54 27.12
C LEU A 255 -12.33 -3.85 28.47
N GLU A 256 -13.32 -4.35 29.22
CA GLU A 256 -13.63 -3.83 30.51
C GLU A 256 -12.45 -4.00 31.49
N GLY A 257 -11.79 -5.14 31.42
CA GLY A 257 -10.67 -5.40 32.28
C GLY A 257 -9.67 -4.32 31.99
N THR A 258 -9.42 -4.16 30.70
CA THR A 258 -8.40 -3.23 30.25
C THR A 258 -8.74 -1.83 30.78
N GLY A 259 -10.04 -1.51 30.78
CA GLY A 259 -10.58 -0.27 31.38
C GLY A 259 -10.02 0.01 32.76
N ALA A 260 -10.37 -0.85 33.70
CA ALA A 260 -9.99 -0.73 35.09
C ALA A 260 -8.47 -0.61 35.25
N THR A 261 -7.73 -1.53 34.63
CA THR A 261 -6.25 -1.46 34.75
C THR A 261 -5.82 -0.06 34.29
N VAL A 262 -6.32 0.40 33.15
CA VAL A 262 -5.93 1.77 32.73
C VAL A 262 -6.43 2.83 33.72
N CYS A 263 -7.67 2.74 34.20
CA CYS A 263 -8.14 3.75 35.19
C CYS A 263 -7.37 3.81 36.51
N LEU A 264 -7.19 2.67 37.12
CA LEU A 264 -6.44 2.61 38.36
C LEU A 264 -4.98 2.98 38.10
N GLY A 265 -4.47 2.42 36.99
CA GLY A 265 -3.22 2.77 36.31
C GLY A 265 -2.98 4.21 36.44
N ILE A 266 -4.01 5.01 36.17
CA ILE A 266 -3.77 6.44 35.94
C ILE A 266 -3.85 7.28 37.19
N GLU A 267 -4.67 6.89 38.21
CA GLU A 267 -4.90 7.76 39.43
C GLU A 267 -3.73 7.57 40.39
N LYS A 268 -2.99 6.57 39.93
CA LYS A 268 -1.74 6.19 40.47
C LYS A 268 -0.63 6.79 39.75
N GLY A 269 -0.96 7.71 38.81
CA GLY A 269 -0.05 8.70 38.30
C GLY A 269 0.86 8.19 37.20
N CYS A 270 0.39 7.30 36.37
CA CYS A 270 1.25 6.86 35.25
C CYS A 270 1.01 7.72 33.99
N GLU A 271 1.94 7.67 33.05
CA GLU A 271 2.01 8.70 32.04
C GLU A 271 1.48 8.23 30.69
N PHE A 272 1.91 7.03 30.31
CA PHE A 272 1.40 6.40 29.11
C PHE A 272 0.67 5.07 29.44
N VAL A 273 -0.28 4.74 28.61
CA VAL A 273 -0.82 3.42 28.67
C VAL A 273 -0.72 2.89 27.26
N ARG A 274 -0.34 1.61 27.13
CA ARG A 274 -0.13 0.98 25.83
C ARG A 274 -1.20 -0.05 25.59
N VAL A 275 -2.19 0.34 24.79
CA VAL A 275 -3.44 -0.39 24.61
C VAL A 275 -3.70 -0.74 23.12
N HIS A 276 -4.62 -1.72 22.92
CA HIS A 276 -5.09 -2.09 21.59
C HIS A 276 -6.30 -1.30 21.28
N ASP A 277 -7.21 -1.20 22.23
CA ASP A 277 -8.51 -0.57 21.98
C ASP A 277 -8.56 0.98 22.08
N VAL A 278 -7.83 1.63 21.20
CA VAL A 278 -7.68 3.09 21.23
C VAL A 278 -8.96 3.92 21.38
N LYS A 279 -9.97 3.67 20.53
CA LYS A 279 -11.26 4.37 20.74
C LYS A 279 -11.67 4.35 22.21
N GLU A 280 -11.85 3.14 22.75
CA GLU A 280 -12.46 3.01 24.05
C GLU A 280 -11.58 3.47 25.21
N MET A 281 -10.28 3.16 25.19
CA MET A 281 -9.43 3.48 26.34
C MET A 281 -9.18 4.99 26.31
N SER A 282 -9.08 5.53 25.09
CA SER A 282 -8.83 6.93 24.93
C SER A 282 -9.88 7.75 25.61
N ARG A 283 -11.13 7.27 25.57
CA ARG A 283 -12.21 7.95 26.30
C ARG A 283 -12.14 7.64 27.79
N MET A 284 -11.48 6.55 28.18
CA MET A 284 -11.33 6.32 29.63
C MET A 284 -10.21 7.22 30.16
N ALA A 285 -9.13 7.40 29.37
CA ALA A 285 -8.05 8.28 29.81
C ALA A 285 -8.63 9.64 30.13
N LYS A 286 -9.10 10.30 29.09
CA LYS A 286 -9.66 11.61 29.23
C LYS A 286 -10.65 11.73 30.43
N MET A 287 -11.48 10.73 30.72
CA MET A 287 -12.40 10.92 31.86
C MET A 287 -11.65 11.01 33.20
N MET A 288 -10.82 10.00 33.52
CA MET A 288 -9.88 10.06 34.69
C MET A 288 -9.04 11.39 34.62
N ASP A 289 -8.46 11.66 33.46
CA ASP A 289 -7.71 12.93 33.31
C ASP A 289 -8.50 14.13 33.79
N ALA A 290 -9.82 14.08 33.69
CA ALA A 290 -10.55 15.21 34.19
C ALA A 290 -10.89 15.05 35.66
N MET A 291 -10.73 13.89 36.21
CA MET A 291 -11.26 13.75 37.55
C MET A 291 -10.16 14.14 38.55
N ILE A 292 -9.08 13.36 38.52
CA ILE A 292 -7.80 13.65 39.18
C ILE A 292 -7.23 15.06 38.78
N GLY A 293 -7.84 15.69 37.81
CA GLY A 293 -7.44 17.07 37.48
C GLY A 293 -6.06 17.09 36.82
N LYS A 294 -5.91 16.35 35.71
CA LYS A 294 -4.65 16.21 35.06
C LYS A 294 -4.78 16.94 33.72
N MET B 21 -25.65 5.46 -36.92
CA MET B 21 -24.69 5.70 -35.74
C MET B 21 -24.86 4.76 -34.44
N LYS B 22 -24.90 3.44 -34.70
CA LYS B 22 -25.48 2.45 -33.79
C LYS B 22 -24.46 1.42 -33.35
N TRP B 23 -24.21 1.26 -32.06
CA TRP B 23 -23.68 -0.05 -31.72
C TRP B 23 -24.86 -0.68 -31.02
N ASP B 24 -25.27 -1.86 -31.49
CA ASP B 24 -26.46 -2.53 -30.93
C ASP B 24 -26.08 -3.22 -29.64
N TYR B 25 -24.88 -2.90 -29.13
CA TYR B 25 -24.39 -3.55 -27.95
C TYR B 25 -23.39 -2.77 -27.10
N ASP B 26 -23.23 -3.26 -25.87
CA ASP B 26 -22.25 -2.73 -24.92
C ASP B 26 -21.18 -3.73 -24.65
N LEU B 27 -20.05 -3.22 -24.16
CA LEU B 27 -19.03 -4.04 -23.58
C LEU B 27 -19.31 -4.52 -22.16
N ARG B 28 -20.04 -5.62 -22.04
CA ARG B 28 -20.10 -6.37 -20.80
C ARG B 28 -18.70 -6.69 -20.27
N CYS B 29 -18.48 -6.46 -18.97
CA CYS B 29 -17.16 -6.56 -18.34
C CYS B 29 -17.26 -7.04 -16.92
N GLY B 30 -17.70 -8.27 -16.71
CA GLY B 30 -17.92 -8.68 -15.32
C GLY B 30 -18.93 -7.73 -14.68
N GLU B 31 -18.48 -6.93 -13.72
CA GLU B 31 -19.44 -6.02 -13.10
C GLU B 31 -19.60 -4.66 -13.78
N TYR B 32 -18.60 -4.20 -14.57
CA TYR B 32 -18.75 -2.90 -15.28
C TYR B 32 -19.21 -3.05 -16.73
N THR B 33 -20.16 -2.22 -17.16
CA THR B 33 -20.50 -2.19 -18.59
C THR B 33 -20.16 -0.90 -19.29
N LEU B 34 -19.49 -1.06 -20.42
CA LEU B 34 -19.04 0.06 -21.21
C LEU B 34 -19.96 0.26 -22.43
N ASN B 35 -20.43 1.50 -22.60
CA ASN B 35 -21.42 1.85 -23.59
C ASN B 35 -20.69 2.57 -24.65
N LEU B 36 -20.81 2.06 -25.88
CA LEU B 36 -19.89 2.45 -26.93
C LEU B 36 -20.35 3.67 -27.64
N ASN B 37 -21.60 4.07 -27.39
CA ASN B 37 -22.18 5.16 -28.13
C ASN B 37 -22.12 6.49 -27.44
N GLU B 38 -22.31 6.46 -26.10
CA GLU B 38 -22.42 7.71 -25.35
C GLU B 38 -21.16 8.60 -25.46
N LYS B 39 -19.99 8.02 -25.19
CA LYS B 39 -18.74 8.76 -25.27
C LYS B 39 -17.54 7.95 -25.68
N THR B 40 -16.55 8.65 -26.22
CA THR B 40 -15.25 8.08 -26.43
C THR B 40 -14.71 7.61 -25.10
N LEU B 41 -14.23 6.38 -25.06
CA LEU B 41 -13.82 5.81 -23.82
C LEU B 41 -12.38 6.04 -23.60
N ILE B 42 -11.97 6.29 -22.36
CA ILE B 42 -10.60 6.64 -22.15
C ILE B 42 -9.91 5.55 -21.40
N MET B 43 -8.69 5.27 -21.87
CA MET B 43 -7.87 4.19 -21.37
C MET B 43 -6.54 4.70 -20.80
N GLY B 44 -6.55 5.07 -19.53
CA GLY B 44 -5.35 5.54 -18.86
C GLY B 44 -4.31 4.45 -18.73
N ILE B 45 -3.10 4.71 -19.26
CA ILE B 45 -1.89 3.91 -19.10
C ILE B 45 -1.32 3.94 -17.66
N LEU B 46 -1.07 2.76 -17.08
CA LEU B 46 -0.51 2.72 -15.76
C LEU B 46 0.97 2.92 -15.82
N ASN B 47 1.41 3.68 -14.82
CA ASN B 47 2.77 4.07 -14.62
C ASN B 47 3.44 2.88 -13.95
N VAL B 48 4.33 2.22 -14.68
CA VAL B 48 4.76 0.87 -14.26
C VAL B 48 6.27 0.63 -14.06
N THR B 49 7.04 1.71 -13.94
CA THR B 49 8.45 1.62 -13.49
C THR B 49 8.47 0.96 -12.04
N PRO B 50 9.65 0.81 -11.37
CA PRO B 50 11.03 1.18 -11.71
C PRO B 50 11.50 0.42 -12.95
N ASP B 55 11.38 -6.51 -7.31
CA ASP B 55 11.03 -7.57 -8.28
C ASP B 55 9.51 -7.82 -8.39
N GLY B 56 8.78 -7.39 -7.36
CA GLY B 56 7.29 -7.43 -7.35
C GLY B 56 6.75 -7.33 -5.91
N GLY B 57 5.49 -6.89 -5.80
CA GLY B 57 4.75 -6.87 -4.53
C GLY B 57 5.07 -5.80 -3.48
N SER B 58 6.33 -5.40 -3.39
CA SER B 58 6.72 -4.38 -2.40
C SER B 58 5.75 -3.20 -2.35
N TYR B 59 5.36 -2.85 -1.12
CA TYR B 59 4.46 -1.74 -0.84
C TYR B 59 4.71 -0.52 -1.72
N ASN B 60 5.97 -0.22 -1.98
CA ASN B 60 6.31 1.04 -2.59
C ASN B 60 5.77 1.15 -3.97
N GLU B 61 6.10 0.17 -4.78
CA GLU B 61 5.64 0.21 -6.14
C GLU B 61 4.12 0.08 -6.17
N VAL B 62 3.55 -0.85 -5.42
CA VAL B 62 2.10 -1.04 -5.53
C VAL B 62 1.33 0.21 -5.08
N ASP B 63 1.60 0.68 -3.86
CA ASP B 63 0.97 1.90 -3.42
C ASP B 63 1.03 2.92 -4.56
N ALA B 64 2.20 3.04 -5.17
CA ALA B 64 2.45 4.09 -6.17
C ALA B 64 1.47 4.03 -7.36
N ALA B 65 1.32 2.82 -7.90
CA ALA B 65 0.36 2.52 -8.96
C ALA B 65 -1.09 2.84 -8.56
N VAL B 66 -1.50 2.39 -7.38
CA VAL B 66 -2.86 2.60 -6.87
C VAL B 66 -3.21 4.09 -6.80
N ARG B 67 -2.18 4.87 -6.55
CA ARG B 67 -2.27 6.34 -6.40
C ARG B 67 -2.47 6.90 -7.78
N HIS B 68 -1.81 6.30 -8.76
CA HIS B 68 -1.84 6.87 -10.08
C HIS B 68 -3.23 6.65 -10.58
N ALA B 69 -3.70 5.45 -10.30
CA ALA B 69 -4.96 4.98 -10.76
C ALA B 69 -6.15 5.80 -10.18
N LYS B 70 -6.25 5.89 -8.85
CA LYS B 70 -7.25 6.75 -8.23
C LYS B 70 -7.18 8.11 -8.93
N GLU B 71 -5.99 8.60 -9.11
CA GLU B 71 -5.82 9.87 -9.79
C GLU B 71 -6.36 9.86 -11.24
N MET B 72 -6.00 8.85 -12.06
CA MET B 72 -6.62 8.72 -13.41
C MET B 72 -8.14 8.53 -13.32
N ARG B 73 -8.63 7.78 -12.34
CA ARG B 73 -10.09 7.63 -12.20
C ARG B 73 -10.67 8.99 -11.94
N ASP B 74 -10.07 9.72 -11.00
CA ASP B 74 -10.52 11.07 -10.71
C ASP B 74 -10.43 11.95 -11.99
N GLU B 75 -9.52 11.57 -12.89
CA GLU B 75 -9.20 12.34 -14.10
C GLU B 75 -10.18 12.23 -15.31
N GLY B 76 -11.08 11.24 -15.27
CA GLY B 76 -12.08 11.01 -16.33
C GLY B 76 -11.94 9.74 -17.15
N ALA B 77 -11.21 8.78 -16.62
CA ALA B 77 -10.77 7.72 -17.43
C ALA B 77 -11.57 6.49 -17.09
N HIS B 78 -12.00 5.74 -18.10
CA HIS B 78 -12.92 4.64 -17.90
C HIS B 78 -12.32 3.23 -17.84
N ILE B 79 -11.03 3.13 -18.22
CA ILE B 79 -10.26 1.87 -18.11
C ILE B 79 -8.79 2.08 -17.78
N ILE B 80 -8.23 1.15 -17.00
CA ILE B 80 -6.80 1.20 -16.61
C ILE B 80 -5.97 0.11 -17.29
N ASP B 81 -4.96 0.55 -18.03
CA ASP B 81 -4.02 -0.38 -18.66
C ASP B 81 -2.91 -0.66 -17.70
N ILE B 82 -2.55 -1.93 -17.54
CA ILE B 82 -1.36 -2.24 -16.78
C ILE B 82 -0.44 -3.09 -17.65
N GLY B 83 0.72 -2.57 -18.03
CA GLY B 83 1.73 -3.40 -18.73
C GLY B 83 2.78 -4.20 -17.93
N GLY B 84 3.18 -5.35 -18.47
CA GLY B 84 4.47 -5.99 -18.13
C GLY B 84 5.60 -5.50 -19.06
N GLU B 85 5.26 -4.67 -20.07
CA GLU B 85 6.21 -3.76 -20.78
C GLU B 85 6.86 -4.37 -22.03
N VAL B 94 10.80 -10.00 -20.06
CA VAL B 94 11.43 -11.10 -19.34
C VAL B 94 10.54 -12.35 -19.29
N SER B 95 10.89 -13.20 -18.30
CA SER B 95 10.21 -14.48 -18.01
C SER B 95 8.70 -14.34 -17.95
N VAL B 96 8.04 -15.48 -18.13
CA VAL B 96 6.62 -15.59 -17.80
C VAL B 96 6.41 -15.43 -16.27
N GLU B 97 7.14 -16.24 -15.51
CA GLU B 97 7.08 -16.24 -14.06
C GLU B 97 7.27 -14.87 -13.49
N GLU B 98 8.35 -14.19 -13.89
CA GLU B 98 8.69 -12.84 -13.38
C GLU B 98 7.59 -11.81 -13.67
N GLU B 99 6.91 -12.01 -14.79
CA GLU B 99 5.85 -11.14 -15.23
C GLU B 99 4.62 -11.33 -14.38
N ILE B 100 4.23 -12.60 -14.17
CA ILE B 100 3.15 -12.94 -13.24
C ILE B 100 3.45 -12.38 -11.84
N LYS B 101 4.73 -12.44 -11.47
CA LYS B 101 5.19 -11.93 -10.19
C LYS B 101 4.96 -10.45 -10.15
N ARG B 102 5.41 -9.75 -11.19
CA ARG B 102 5.35 -8.29 -11.24
C ARG B 102 3.92 -7.80 -11.20
N VAL B 103 3.04 -8.48 -11.94
CA VAL B 103 1.81 -7.88 -12.40
C VAL B 103 0.52 -8.35 -11.66
N VAL B 104 0.54 -9.53 -11.09
CA VAL B 104 -0.64 -9.98 -10.32
C VAL B 104 -0.96 -9.14 -9.05
N PRO B 105 0.07 -8.75 -8.25
CA PRO B 105 -0.28 -8.08 -7.00
C PRO B 105 -0.93 -6.75 -7.33
N MET B 106 -0.35 -6.09 -8.33
CA MET B 106 -0.87 -4.94 -9.04
C MET B 106 -2.37 -4.96 -9.31
N ILE B 107 -2.83 -5.97 -10.06
CA ILE B 107 -4.24 -6.04 -10.37
C ILE B 107 -4.99 -6.04 -9.08
N GLN B 108 -4.67 -7.03 -8.25
CA GLN B 108 -5.42 -7.28 -7.04
C GLN B 108 -5.53 -6.07 -6.13
N ALA B 109 -4.84 -5.00 -6.46
CA ALA B 109 -4.95 -3.77 -5.67
C ALA B 109 -5.86 -2.79 -6.38
N VAL B 110 -5.67 -2.60 -7.67
CA VAL B 110 -6.47 -1.63 -8.39
C VAL B 110 -7.86 -2.25 -8.43
N SER B 111 -7.97 -3.38 -9.13
CA SER B 111 -9.10 -4.31 -8.93
C SER B 111 -9.77 -4.13 -7.57
N LYS B 112 -9.04 -4.33 -6.47
CA LYS B 112 -9.61 -4.30 -5.12
C LYS B 112 -10.04 -2.92 -4.68
N GLU B 113 -9.29 -1.89 -5.12
CA GLU B 113 -9.55 -0.53 -4.63
C GLU B 113 -10.31 0.39 -5.58
N VAL B 114 -10.18 0.18 -6.89
CA VAL B 114 -10.77 1.12 -7.85
C VAL B 114 -11.96 0.51 -8.59
N LYS B 115 -13.06 1.26 -8.68
CA LYS B 115 -14.19 0.71 -9.38
C LYS B 115 -14.14 1.16 -10.81
N LEU B 116 -13.30 0.46 -11.59
CA LEU B 116 -13.25 0.54 -13.05
C LEU B 116 -12.73 -0.79 -13.58
N PRO B 117 -12.89 -1.05 -14.89
CA PRO B 117 -12.29 -2.28 -15.37
C PRO B 117 -10.79 -2.10 -15.65
N ILE B 118 -10.08 -3.21 -15.53
CA ILE B 118 -8.64 -3.27 -15.72
C ILE B 118 -8.32 -4.10 -16.93
N SER B 119 -7.48 -3.54 -17.81
CA SER B 119 -6.94 -4.30 -18.94
C SER B 119 -5.49 -4.65 -18.75
N ILE B 120 -5.20 -5.92 -18.94
CA ILE B 120 -3.83 -6.45 -18.87
C ILE B 120 -3.09 -6.28 -20.23
N ASP B 121 -1.87 -5.75 -20.20
CA ASP B 121 -1.15 -5.57 -21.45
C ASP B 121 -0.13 -6.69 -21.71
N THR B 122 -0.65 -7.86 -22.05
CA THR B 122 0.18 -9.01 -22.26
C THR B 122 0.05 -9.48 -23.69
N TYR B 123 0.92 -10.42 -24.06
CA TYR B 123 0.82 -11.09 -25.33
C TYR B 123 0.97 -12.60 -25.13
N LYS B 124 0.74 -13.07 -23.92
CA LYS B 124 1.02 -14.48 -23.62
C LYS B 124 0.02 -15.19 -22.68
N ALA B 125 -0.51 -16.31 -23.17
CA ALA B 125 -1.58 -17.07 -22.48
C ALA B 125 -1.49 -17.10 -20.97
N GLU B 126 -0.40 -17.66 -20.45
CA GLU B 126 -0.24 -17.77 -19.02
C GLU B 126 -0.43 -16.47 -18.23
N VAL B 127 0.18 -15.39 -18.73
CA VAL B 127 0.10 -14.06 -18.09
C VAL B 127 -1.35 -13.59 -18.15
N ALA B 128 -1.97 -13.90 -19.27
CA ALA B 128 -3.32 -13.47 -19.53
C ALA B 128 -4.24 -14.13 -18.54
N LYS B 129 -3.98 -15.39 -18.23
CA LYS B 129 -4.93 -16.18 -17.47
C LYS B 129 -5.01 -15.68 -16.03
N GLN B 130 -3.85 -15.61 -15.37
CA GLN B 130 -3.81 -15.25 -13.94
C GLN B 130 -4.13 -13.79 -13.69
N ALA B 131 -3.98 -12.96 -14.72
CA ALA B 131 -4.38 -11.58 -14.65
C ALA B 131 -5.88 -11.51 -14.37
N ILE B 132 -6.65 -12.19 -15.19
CA ILE B 132 -8.09 -12.17 -15.04
C ILE B 132 -8.52 -12.98 -13.83
N GLU B 133 -7.73 -13.99 -13.47
CA GLU B 133 -7.95 -14.71 -12.24
C GLU B 133 -7.70 -13.73 -11.05
N ALA B 134 -6.74 -12.82 -11.24
CA ALA B 134 -6.42 -11.80 -10.24
C ALA B 134 -7.54 -10.79 -10.15
N GLY B 135 -8.06 -10.38 -11.29
CA GLY B 135 -9.16 -9.43 -11.30
C GLY B 135 -9.13 -8.57 -12.53
N ALA B 136 -8.40 -9.02 -13.55
CA ALA B 136 -8.33 -8.27 -14.79
C ALA B 136 -9.60 -8.50 -15.58
N HIS B 137 -9.78 -7.68 -16.64
CA HIS B 137 -11.06 -7.67 -17.35
C HIS B 137 -10.96 -7.84 -18.87
N ILE B 138 -10.02 -7.12 -19.50
CA ILE B 138 -9.96 -6.92 -20.94
C ILE B 138 -8.56 -7.28 -21.35
N ILE B 139 -8.36 -8.16 -22.31
CA ILE B 139 -6.98 -8.49 -22.58
C ILE B 139 -6.51 -7.65 -23.69
N ASN B 140 -5.37 -7.00 -23.48
CA ASN B 140 -4.78 -6.17 -24.52
C ASN B 140 -3.50 -6.75 -25.16
N ASP B 141 -3.71 -7.35 -26.33
CA ASP B 141 -2.63 -7.96 -27.08
C ASP B 141 -2.10 -7.13 -28.27
N ILE B 142 -0.82 -6.83 -28.17
CA ILE B 142 -0.06 -6.12 -29.15
C ILE B 142 0.50 -7.10 -30.16
N TRP B 143 0.07 -8.34 -30.12
CA TRP B 143 0.44 -9.30 -31.15
C TRP B 143 -0.78 -10.02 -31.64
N GLY B 144 -1.92 -9.61 -31.08
CA GLY B 144 -3.24 -9.90 -31.62
C GLY B 144 -3.52 -11.35 -31.88
N ALA B 145 -3.20 -12.19 -30.90
CA ALA B 145 -3.39 -13.65 -30.94
C ALA B 145 -2.41 -14.37 -31.84
N LYS B 146 -1.59 -13.60 -32.54
CA LYS B 146 -0.56 -14.20 -33.35
C LYS B 146 0.46 -14.75 -32.37
N ALA B 147 0.69 -13.96 -31.32
CA ALA B 147 1.62 -14.20 -30.24
C ALA B 147 1.67 -15.62 -29.66
N GLU B 148 0.63 -15.96 -28.90
CA GLU B 148 0.52 -17.27 -28.28
C GLU B 148 -0.91 -17.69 -28.51
N PRO B 149 -1.20 -18.24 -29.69
CA PRO B 149 -2.57 -18.54 -30.07
C PRO B 149 -3.49 -18.79 -28.88
N LYS B 150 -3.11 -19.67 -27.96
CA LYS B 150 -3.96 -19.98 -26.78
C LYS B 150 -4.63 -18.76 -26.11
N ILE B 151 -3.92 -17.63 -26.12
CA ILE B 151 -4.40 -16.40 -25.52
C ILE B 151 -5.93 -16.24 -25.65
N ALA B 152 -6.41 -16.36 -26.89
CA ALA B 152 -7.82 -16.26 -27.24
C ALA B 152 -8.63 -17.38 -26.60
N GLU B 153 -8.09 -18.60 -26.65
CA GLU B 153 -8.76 -19.74 -26.06
C GLU B 153 -9.07 -19.43 -24.60
N VAL B 154 -8.34 -18.45 -24.06
CA VAL B 154 -8.58 -17.91 -22.71
C VAL B 154 -9.68 -16.83 -22.68
N ALA B 155 -9.63 -15.89 -23.61
CA ALA B 155 -10.71 -14.94 -23.76
C ALA B 155 -12.04 -15.68 -23.91
N ALA B 156 -12.05 -16.73 -24.73
CA ALA B 156 -13.25 -17.55 -24.89
C ALA B 156 -13.71 -18.08 -23.56
N HIS B 157 -12.76 -18.69 -22.84
CA HIS B 157 -13.01 -19.37 -21.56
C HIS B 157 -13.48 -18.44 -20.45
N TYR B 158 -13.00 -17.21 -20.48
CA TYR B 158 -13.43 -16.23 -19.48
C TYR B 158 -14.36 -15.18 -20.09
N ASP B 159 -14.83 -15.42 -21.31
CA ASP B 159 -15.77 -14.51 -21.94
C ASP B 159 -15.35 -13.03 -21.88
N VAL B 160 -14.08 -12.76 -21.56
CA VAL B 160 -13.68 -11.36 -21.44
C VAL B 160 -13.44 -10.85 -22.83
N PRO B 161 -13.58 -9.52 -23.04
CA PRO B 161 -13.28 -8.84 -24.33
C PRO B 161 -11.82 -8.98 -24.66
N ILE B 162 -11.37 -8.48 -25.80
CA ILE B 162 -9.91 -8.44 -26.16
C ILE B 162 -9.56 -7.55 -27.32
N ILE B 163 -8.38 -6.96 -27.19
CA ILE B 163 -7.87 -6.01 -28.18
C ILE B 163 -6.89 -6.70 -29.09
N LEU B 164 -7.17 -6.66 -30.39
CA LEU B 164 -6.24 -7.22 -31.33
C LEU B 164 -5.49 -6.11 -32.04
N MET B 165 -4.18 -6.08 -31.85
CA MET B 165 -3.46 -4.96 -32.40
C MET B 165 -2.68 -5.36 -33.65
N HIS B 166 -2.65 -4.44 -34.62
CA HIS B 166 -1.89 -4.69 -35.79
C HIS B 166 -0.49 -4.49 -35.44
N ASN B 167 0.28 -5.53 -35.72
CA ASN B 167 1.72 -5.66 -35.48
C ASN B 167 2.31 -6.77 -36.37
N ARG B 168 3.61 -6.73 -36.64
CA ARG B 168 4.24 -7.66 -37.57
C ARG B 168 5.72 -7.48 -37.39
N ASP B 169 6.51 -7.98 -38.31
CA ASP B 169 7.91 -8.07 -38.02
C ASP B 169 8.68 -7.45 -39.16
N ASN B 170 8.03 -6.59 -39.94
CA ASN B 170 8.74 -5.95 -41.04
C ASN B 170 8.05 -4.69 -41.47
N MET B 171 8.74 -3.84 -42.24
CA MET B 171 8.11 -2.63 -42.74
C MET B 171 7.90 -2.62 -44.22
N ASN B 172 8.08 -3.76 -44.87
CA ASN B 172 7.74 -3.94 -46.28
C ASN B 172 6.27 -4.22 -46.42
N TYR B 173 5.50 -3.16 -46.64
CA TYR B 173 4.10 -3.29 -47.00
C TYR B 173 3.97 -3.02 -48.48
N ARG B 174 3.16 -3.80 -49.19
CA ARG B 174 2.92 -3.52 -50.60
C ARG B 174 1.87 -2.40 -50.65
N ASN B 175 0.82 -2.54 -49.86
CA ASN B 175 -0.02 -1.39 -49.58
C ASN B 175 -0.42 -1.35 -48.13
N LEU B 176 0.01 -0.29 -47.45
CA LEU B 176 -0.14 -0.16 -46.02
C LEU B 176 -1.49 -0.62 -45.61
N MET B 177 -2.50 0.25 -45.76
CA MET B 177 -3.81 0.01 -45.13
C MET B 177 -4.35 -1.36 -45.51
N ALA B 178 -4.41 -1.56 -46.82
CA ALA B 178 -4.76 -2.85 -47.39
C ALA B 178 -4.00 -3.95 -46.66
N ASP B 179 -2.77 -3.67 -46.27
CA ASP B 179 -1.98 -4.65 -45.58
C ASP B 179 -2.39 -4.77 -44.12
N MET B 180 -2.73 -3.68 -43.45
CA MET B 180 -2.98 -3.82 -42.01
C MET B 180 -4.25 -4.58 -41.81
N ILE B 181 -5.26 -4.11 -42.52
CA ILE B 181 -6.56 -4.69 -42.56
C ILE B 181 -6.50 -6.16 -42.89
N ALA B 182 -5.64 -6.54 -43.80
CA ALA B 182 -5.43 -7.97 -43.97
C ALA B 182 -5.06 -8.59 -42.62
N ASP B 183 -4.03 -8.04 -41.97
CA ASP B 183 -3.36 -8.71 -40.86
C ASP B 183 -4.29 -8.75 -39.70
N LEU B 184 -5.09 -7.70 -39.62
CA LEU B 184 -6.11 -7.66 -38.63
C LEU B 184 -7.13 -8.80 -38.85
N TYR B 185 -7.42 -9.16 -40.10
CA TYR B 185 -8.15 -10.40 -40.29
C TYR B 185 -7.53 -11.63 -39.67
N ASP B 186 -6.32 -11.96 -40.05
CA ASP B 186 -5.71 -13.20 -39.56
C ASP B 186 -5.86 -13.32 -38.04
N SER B 187 -5.76 -12.19 -37.32
CA SER B 187 -5.95 -12.18 -35.86
C SER B 187 -7.39 -12.60 -35.53
N ILE B 188 -8.37 -11.95 -36.16
CA ILE B 188 -9.77 -12.23 -35.85
C ILE B 188 -10.07 -13.69 -36.12
N LYS B 189 -9.42 -14.26 -37.14
CA LYS B 189 -9.67 -15.66 -37.53
C LYS B 189 -9.17 -16.53 -36.40
N ILE B 190 -8.04 -16.12 -35.82
CA ILE B 190 -7.46 -16.91 -34.78
C ILE B 190 -8.41 -16.79 -33.61
N ALA B 191 -8.68 -15.57 -33.21
CA ALA B 191 -9.65 -15.29 -32.15
C ALA B 191 -10.95 -16.10 -32.25
N LYS B 192 -11.69 -15.90 -33.34
CA LYS B 192 -13.04 -16.42 -33.51
C LYS B 192 -13.09 -17.92 -33.54
N ASP B 193 -12.08 -18.46 -34.20
CA ASP B 193 -11.88 -19.89 -34.29
C ASP B 193 -11.59 -20.49 -32.90
N ALA B 194 -11.16 -19.65 -31.96
CA ALA B 194 -10.96 -20.07 -30.60
C ALA B 194 -12.27 -19.87 -29.81
N GLY B 195 -13.10 -18.96 -30.26
CA GLY B 195 -14.50 -18.96 -29.81
C GLY B 195 -14.99 -17.68 -29.22
N VAL B 196 -14.33 -16.57 -29.58
CA VAL B 196 -14.63 -15.25 -29.05
C VAL B 196 -15.84 -14.59 -29.73
N ARG B 197 -16.96 -14.45 -29.01
CA ARG B 197 -18.11 -13.72 -29.54
C ARG B 197 -17.64 -12.36 -30.07
N ASP B 198 -18.06 -12.03 -31.28
CA ASP B 198 -17.77 -10.77 -31.96
C ASP B 198 -17.88 -9.59 -31.00
N GLU B 199 -18.99 -9.51 -30.31
CA GLU B 199 -19.21 -8.53 -29.25
C GLU B 199 -17.97 -8.33 -28.36
N ASN B 200 -17.08 -9.31 -28.35
CA ASN B 200 -15.88 -9.21 -27.54
C ASN B 200 -14.61 -9.00 -28.29
N ILE B 201 -14.67 -8.34 -29.43
CA ILE B 201 -13.44 -8.05 -30.20
C ILE B 201 -13.18 -6.57 -30.37
N ILE B 202 -11.95 -6.20 -30.13
CA ILE B 202 -11.56 -4.84 -30.47
C ILE B 202 -10.31 -4.67 -31.37
N LEU B 203 -10.31 -3.56 -32.08
CA LEU B 203 -9.27 -3.43 -33.05
C LEU B 203 -8.34 -2.25 -32.86
N ASP B 204 -7.08 -2.54 -32.95
CA ASP B 204 -6.10 -1.50 -32.77
C ASP B 204 -5.00 -1.65 -33.82
N PRO B 205 -4.81 -0.60 -34.64
CA PRO B 205 -3.84 -0.23 -35.61
C PRO B 205 -2.40 -0.37 -35.10
N GLY B 206 -2.07 0.28 -34.01
CA GLY B 206 -0.77 -0.07 -33.45
C GLY B 206 0.21 0.91 -34.07
N ILE B 207 0.00 2.16 -33.66
CA ILE B 207 0.86 3.26 -34.03
C ILE B 207 2.21 3.02 -33.41
N GLY B 208 3.23 3.28 -34.23
CA GLY B 208 4.61 3.21 -33.82
C GLY B 208 5.08 1.77 -33.76
N PHE B 209 4.36 0.89 -34.44
CA PHE B 209 4.71 -0.53 -34.45
C PHE B 209 4.87 -0.94 -35.87
N ALA B 210 5.99 -1.52 -36.18
CA ALA B 210 6.23 -2.07 -37.50
C ALA B 210 6.04 -0.99 -38.59
N LYS B 211 5.92 0.28 -38.17
CA LYS B 211 5.80 1.43 -39.09
C LYS B 211 6.96 2.44 -38.96
N THR B 212 7.47 2.91 -40.12
CA THR B 212 8.24 4.18 -40.13
C THR B 212 7.35 5.28 -39.58
N PRO B 213 7.98 6.43 -39.27
CA PRO B 213 7.21 7.50 -38.66
C PRO B 213 6.25 8.07 -39.72
N GLU B 214 6.27 7.51 -40.92
CA GLU B 214 5.51 8.03 -42.07
C GLU B 214 4.29 7.19 -42.29
N GLN B 215 4.61 5.91 -42.44
CA GLN B 215 3.64 4.88 -42.31
C GLN B 215 2.67 5.23 -41.19
N ASN B 216 3.16 5.63 -40.01
CA ASN B 216 2.28 6.00 -38.89
C ASN B 216 1.38 7.15 -39.25
N LEU B 217 1.90 8.09 -40.02
CA LEU B 217 1.07 9.22 -40.40
C LEU B 217 -0.11 8.83 -41.28
N GLU B 218 0.14 8.21 -42.42
CA GLU B 218 -0.96 7.79 -43.27
C GLU B 218 -1.95 6.88 -42.54
N ALA B 219 -1.44 6.08 -41.61
CA ALA B 219 -2.31 5.17 -40.94
C ALA B 219 -3.28 6.06 -40.20
N MET B 220 -2.77 7.16 -39.68
CA MET B 220 -3.63 8.11 -39.01
C MET B 220 -4.59 8.73 -39.96
N ARG B 221 -4.14 8.98 -41.17
CA ARG B 221 -4.87 9.77 -42.14
C ARG B 221 -6.01 8.91 -42.60
N ASN B 222 -5.74 7.59 -42.65
CA ASN B 222 -6.68 6.65 -43.15
C ASN B 222 -7.15 5.71 -42.10
N LEU B 223 -7.20 6.25 -40.89
CA LEU B 223 -7.73 5.55 -39.76
C LEU B 223 -9.09 5.01 -40.08
N GLU B 224 -9.93 5.80 -40.75
CA GLU B 224 -11.38 5.46 -40.90
C GLU B 224 -11.66 4.20 -41.73
N GLN B 225 -10.66 3.81 -42.56
CA GLN B 225 -10.76 2.52 -43.26
C GLN B 225 -10.72 1.33 -42.30
N LEU B 226 -10.44 1.58 -41.03
CA LEU B 226 -10.58 0.53 -40.05
C LEU B 226 -12.02 0.20 -39.78
N ASN B 227 -12.92 1.15 -40.03
CA ASN B 227 -14.28 0.92 -39.51
C ASN B 227 -15.11 -0.04 -40.41
N VAL B 228 -14.73 -0.28 -41.67
CA VAL B 228 -15.43 -1.28 -42.52
C VAL B 228 -15.37 -2.71 -41.93
N LEU B 229 -14.55 -2.95 -40.91
CA LEU B 229 -14.50 -4.32 -40.44
C LEU B 229 -15.54 -4.60 -39.41
N GLY B 230 -16.20 -3.57 -38.93
CA GLY B 230 -17.30 -3.75 -38.00
C GLY B 230 -16.77 -3.98 -36.60
N TYR B 231 -15.63 -3.42 -36.24
CA TYR B 231 -15.32 -3.54 -34.83
C TYR B 231 -14.87 -2.22 -34.26
N PRO B 232 -15.09 -2.05 -32.96
CA PRO B 232 -14.54 -0.95 -32.17
C PRO B 232 -13.04 -0.80 -32.41
N VAL B 233 -12.64 0.45 -32.63
CA VAL B 233 -11.23 0.84 -32.81
C VAL B 233 -10.75 1.58 -31.57
N LEU B 234 -9.70 1.01 -30.96
CA LEU B 234 -8.94 1.60 -29.86
C LEU B 234 -7.65 2.01 -30.50
N LEU B 235 -7.17 3.17 -30.11
CA LEU B 235 -6.13 3.83 -30.88
C LEU B 235 -5.13 4.41 -29.93
N GLY B 236 -3.85 4.00 -30.06
CA GLY B 236 -2.78 4.30 -29.09
C GLY B 236 -1.68 5.26 -29.53
N THR B 237 -1.78 6.54 -29.19
CA THR B 237 -0.80 7.54 -29.68
C THR B 237 -0.08 8.36 -28.62
N SER B 238 -0.31 8.03 -27.36
CA SER B 238 0.17 8.92 -26.34
C SER B 238 1.68 8.85 -26.37
N ARG B 239 2.26 10.01 -26.72
CA ARG B 239 3.69 10.34 -26.53
C ARG B 239 4.65 9.64 -27.55
N LYS B 240 4.04 9.05 -28.54
CA LYS B 240 4.70 8.25 -29.46
C LYS B 240 5.79 9.05 -30.28
N SER B 241 6.87 8.34 -30.63
CA SER B 241 8.00 8.94 -31.24
C SER B 241 7.68 9.65 -32.55
N PHE B 242 6.73 9.12 -33.33
CA PHE B 242 6.36 9.85 -34.52
C PHE B 242 5.82 11.22 -34.15
N ILE B 243 5.28 11.40 -32.96
CA ILE B 243 5.01 12.79 -32.69
C ILE B 243 6.31 13.63 -32.73
N GLY B 244 7.35 13.11 -32.10
CA GLY B 244 8.60 13.82 -32.00
C GLY B 244 9.29 13.96 -33.35
N HIS B 245 8.95 13.06 -34.28
CA HIS B 245 9.57 13.10 -35.56
C HIS B 245 9.06 14.32 -36.29
N VAL B 246 7.83 14.67 -35.99
CA VAL B 246 7.22 15.73 -36.73
C VAL B 246 7.54 17.01 -36.03
N LEU B 247 7.19 17.10 -34.76
CA LEU B 247 7.36 18.33 -33.98
C LEU B 247 8.73 18.72 -33.51
N ASP B 248 9.71 17.81 -33.61
CA ASP B 248 11.09 17.97 -33.08
C ASP B 248 11.14 18.25 -31.59
N LEU B 249 10.56 17.35 -30.80
CA LEU B 249 10.21 17.58 -29.37
C LEU B 249 10.11 16.25 -28.63
N PRO B 250 10.87 16.11 -27.52
CA PRO B 250 10.94 14.76 -26.94
C PRO B 250 9.76 14.48 -25.97
N VAL B 251 9.81 13.34 -25.36
CA VAL B 251 8.66 12.70 -24.81
C VAL B 251 7.87 13.62 -23.86
N GLU B 252 8.53 14.30 -22.92
CA GLU B 252 7.74 15.00 -21.92
C GLU B 252 7.14 16.25 -22.52
N GLU B 253 7.17 16.34 -23.84
CA GLU B 253 6.70 17.53 -24.49
C GLU B 253 5.68 17.26 -25.63
N ARG B 254 4.98 16.12 -25.56
CA ARG B 254 4.20 15.68 -26.70
C ARG B 254 2.76 15.69 -26.35
N LEU B 255 2.35 16.62 -25.47
CA LEU B 255 0.94 16.69 -25.06
C LEU B 255 0.06 17.34 -26.11
N GLU B 256 0.51 18.40 -26.76
CA GLU B 256 -0.20 18.96 -27.91
C GLU B 256 -0.41 17.89 -28.97
N GLY B 257 0.65 17.16 -29.24
CA GLY B 257 0.64 16.26 -30.35
C GLY B 257 -0.40 15.21 -30.13
N THR B 258 -0.49 14.78 -28.87
CA THR B 258 -1.30 13.63 -28.49
C THR B 258 -2.72 14.05 -28.73
N GLY B 259 -3.00 15.26 -28.26
CA GLY B 259 -4.12 16.12 -28.67
C GLY B 259 -4.58 15.79 -30.05
N ALA B 260 -3.87 16.28 -31.07
CA ALA B 260 -4.37 16.12 -32.43
C ALA B 260 -4.57 14.66 -32.81
N THR B 261 -3.63 13.79 -32.49
CA THR B 261 -3.83 12.41 -32.90
C THR B 261 -5.14 11.91 -32.23
N VAL B 262 -5.30 12.25 -30.96
CA VAL B 262 -6.52 11.91 -30.27
C VAL B 262 -7.77 12.48 -30.93
N CYS B 263 -7.80 13.76 -31.31
CA CYS B 263 -8.97 14.29 -32.08
C CYS B 263 -9.27 13.66 -33.43
N LEU B 264 -8.24 13.67 -34.27
CA LEU B 264 -8.35 12.98 -35.57
C LEU B 264 -8.94 11.59 -35.27
N GLY B 265 -8.29 10.84 -34.38
CA GLY B 265 -8.71 9.48 -34.08
C GLY B 265 -10.21 9.39 -33.92
N ILE B 266 -10.78 10.36 -33.20
CA ILE B 266 -12.20 10.36 -32.81
C ILE B 266 -13.08 10.83 -33.98
N GLU B 267 -12.53 11.75 -34.76
CA GLU B 267 -13.28 12.33 -35.87
C GLU B 267 -13.40 11.22 -36.90
N LYS B 268 -12.47 10.29 -36.83
CA LYS B 268 -12.39 9.25 -37.81
C LYS B 268 -13.08 8.04 -37.25
N GLY B 269 -13.78 8.24 -36.14
CA GLY B 269 -14.71 7.27 -35.67
C GLY B 269 -14.15 6.17 -34.82
N CYS B 270 -13.28 6.48 -33.90
CA CYS B 270 -12.78 5.38 -33.06
C CYS B 270 -13.38 5.42 -31.63
N GLU B 271 -13.26 4.33 -30.87
CA GLU B 271 -14.08 4.25 -29.64
C GLU B 271 -13.33 4.39 -28.28
N PHE B 272 -12.02 4.11 -28.32
CA PHE B 272 -11.09 4.35 -27.21
C PHE B 272 -9.77 4.86 -27.73
N VAL B 273 -9.27 5.88 -27.04
CA VAL B 273 -7.89 6.26 -27.14
C VAL B 273 -7.24 5.76 -25.87
N ARG B 274 -5.96 5.41 -25.95
CA ARG B 274 -5.24 4.96 -24.76
C ARG B 274 -4.06 5.84 -24.54
N VAL B 275 -4.17 6.62 -23.48
CA VAL B 275 -3.31 7.76 -23.23
C VAL B 275 -2.66 7.79 -21.83
N HIS B 276 -1.57 8.57 -21.73
CA HIS B 276 -0.89 8.86 -20.48
C HIS B 276 -1.54 10.01 -19.77
N ASP B 277 -1.83 11.07 -20.51
CA ASP B 277 -2.27 12.32 -19.92
C ASP B 277 -3.75 12.39 -19.79
N VAL B 278 -4.34 11.47 -19.06
CA VAL B 278 -5.76 11.55 -18.85
C VAL B 278 -6.32 12.99 -18.87
N LYS B 279 -5.91 13.84 -17.93
CA LYS B 279 -6.68 15.07 -17.66
C LYS B 279 -7.03 15.78 -18.93
N GLU B 280 -5.95 16.07 -19.64
CA GLU B 280 -5.91 16.86 -20.84
C GLU B 280 -6.67 16.19 -22.01
N MET B 281 -6.33 14.96 -22.36
CA MET B 281 -7.05 14.25 -23.41
C MET B 281 -8.53 14.14 -23.01
N SER B 282 -8.75 13.89 -21.72
CA SER B 282 -10.09 13.63 -21.28
C SER B 282 -10.96 14.75 -21.69
N ARG B 283 -10.50 15.99 -21.47
CA ARG B 283 -11.39 17.10 -21.74
C ARG B 283 -11.50 17.32 -23.23
N MET B 284 -10.43 17.04 -23.98
CA MET B 284 -10.42 17.20 -25.42
C MET B 284 -11.31 16.19 -26.10
N ALA B 285 -11.33 14.98 -25.56
CA ALA B 285 -12.19 13.96 -26.11
C ALA B 285 -13.65 14.32 -25.85
N LYS B 286 -13.99 14.69 -24.62
CA LYS B 286 -15.36 15.16 -24.36
C LYS B 286 -15.83 16.31 -25.30
N MET B 287 -14.93 17.17 -25.79
CA MET B 287 -15.26 18.28 -26.68
C MET B 287 -15.59 17.73 -28.08
N MET B 288 -14.59 17.09 -28.73
CA MET B 288 -14.77 16.39 -30.03
C MET B 288 -16.18 15.78 -30.15
N ASP B 289 -16.45 14.86 -29.21
CA ASP B 289 -17.67 14.15 -29.00
C ASP B 289 -18.90 15.02 -29.11
N ALA B 290 -18.79 16.23 -28.61
CA ALA B 290 -19.93 17.11 -28.70
C ALA B 290 -19.89 17.86 -30.06
N MET B 291 -18.72 17.85 -30.70
CA MET B 291 -18.68 18.44 -32.03
C MET B 291 -19.27 17.57 -33.14
N ILE B 292 -19.15 16.26 -33.02
CA ILE B 292 -19.65 15.41 -34.08
C ILE B 292 -20.99 14.84 -33.72
N GLY B 293 -21.38 15.20 -32.50
CA GLY B 293 -22.57 14.69 -31.87
C GLY B 293 -22.40 13.21 -31.60
N LYS B 294 -21.22 12.82 -31.09
CA LYS B 294 -21.12 11.48 -30.47
C LYS B 294 -21.57 11.50 -28.98
#